data_3LOV
#
_entry.id   3LOV
#
_cell.length_a   74.542
_cell.length_b   74.542
_cell.length_c   212.559
_cell.angle_alpha   90.000
_cell.angle_beta   90.000
_cell.angle_gamma   90.000
#
_symmetry.space_group_name_H-M   'P 43 21 2'
#
loop_
_entity.id
_entity.type
_entity.pdbx_description
1 polymer 'Protoporphyrinogen oxidase'
2 non-polymer 'FLAVIN-ADENINE DINUCLEOTIDE'
3 water water
#
_entity_poly.entity_id   1
_entity_poly.type   'polypeptide(L)'
_entity_poly.pdbx_seq_one_letter_code
;G(MSE)SSKRLVIVGGGITGLAAAYYAERAFPDLNITLLEAGERLGGKVATYREDGFTIERGPDSYVARKHILTDLIEAI
GLGEKLVRNNTSQAFILDTGGLHPIPKGAV(MSE)GIPTDLDLFRQTTLLTEEEKQEVADLLLHPSDSLRIPEQDIPLGE
YLRPRLGDALVEKLIEPLLSGIYAGNIDQ(MSE)STFATYPQFVANEQKAGSLFEG(MSE)RL(MSE)RPLDQLPQTPQT
TIKATGQFLSLETGLESLIERLEEVLERSEIRLETPLLAISREDGRYRLKTDHGPEYADYVLLTIPHPQVVQLLPDAHLP
ELEQLTTHSTATVT(MSE)IFDQQQSLPIEGTGFVVNRRAPYSITACTAIDQKWNHSAPDHTVLRAFVGRPGNDHLVHES
DEVLQQAVLQDLEKICGRTLEPKQVIISRL(MSE)DGLPAYTVGHADRIQRVREEVLAQYPGIYLAGLAYDGVGLPDCVA
SAKT(MSE)IESIELEQSHTDESVNET
;
_entity_poly.pdbx_strand_id   A
#
loop_
_chem_comp.id
_chem_comp.type
_chem_comp.name
_chem_comp.formula
FAD non-polymer 'FLAVIN-ADENINE DINUCLEOTIDE' 'C27 H33 N9 O15 P2'
#
# COMPACT_ATOMS: atom_id res chain seq x y z
N GLY A 1 16.63 -36.02 -9.92
CA GLY A 1 15.23 -35.56 -9.62
C GLY A 1 15.15 -34.88 -8.26
N MSE A 2 14.02 -35.07 -7.56
CA MSE A 2 13.75 -34.34 -6.31
C MSE A 2 14.79 -34.55 -5.22
O MSE A 2 15.23 -35.66 -4.95
CB MSE A 2 12.36 -34.69 -5.74
CG MSE A 2 11.20 -34.35 -6.67
SE MSE A 2 11.26 -32.56 -7.47
CE MSE A 2 10.41 -31.58 -6.01
N SER A 3 15.19 -33.45 -4.63
CA SER A 3 16.01 -33.43 -3.45
C SER A 3 15.21 -33.99 -2.27
N SER A 4 15.92 -34.39 -1.22
CA SER A 4 15.27 -34.69 0.06
C SER A 4 14.72 -33.43 0.78
N LYS A 5 15.18 -32.24 0.38
CA LYS A 5 14.95 -31.02 1.17
C LYS A 5 13.64 -30.34 0.80
N ARG A 6 13.11 -29.59 1.74
CA ARG A 6 11.75 -29.06 1.61
C ARG A 6 11.71 -27.58 2.03
N LEU A 7 11.05 -26.79 1.20
CA LEU A 7 10.74 -25.40 1.47
C LEU A 7 9.29 -25.32 1.92
N VAL A 8 9.02 -24.69 3.06
CA VAL A 8 7.64 -24.39 3.43
C VAL A 8 7.50 -22.86 3.42
N ILE A 9 6.51 -22.40 2.67
CA ILE A 9 6.18 -20.97 2.57
C ILE A 9 4.96 -20.80 3.45
N VAL A 10 4.99 -19.78 4.32
CA VAL A 10 3.93 -19.57 5.26
C VAL A 10 3.18 -18.26 4.92
N GLY A 11 1.89 -18.38 4.61
CA GLY A 11 1.03 -17.27 4.22
C GLY A 11 0.74 -17.36 2.73
N GLY A 12 -0.56 -17.31 2.39
CA GLY A 12 -0.99 -17.39 1.02
C GLY A 12 -1.52 -16.11 0.41
N GLY A 13 -0.93 -14.98 0.82
CA GLY A 13 -1.25 -13.71 0.17
C GLY A 13 -0.42 -13.59 -1.10
N ILE A 14 -0.33 -12.39 -1.67
CA ILE A 14 0.49 -12.19 -2.88
C ILE A 14 2.00 -12.56 -2.63
N THR A 15 2.54 -12.26 -1.47
CA THR A 15 3.95 -12.46 -1.19
C THR A 15 4.27 -13.97 -1.20
N GLY A 16 3.42 -14.74 -0.53
CA GLY A 16 3.57 -16.19 -0.47
C GLY A 16 3.32 -16.89 -1.81
N LEU A 17 2.32 -16.44 -2.56
CA LEU A 17 2.00 -17.02 -3.88
C LEU A 17 3.08 -16.67 -4.91
N ALA A 18 3.54 -15.43 -4.88
CA ALA A 18 4.70 -15.04 -5.68
C ALA A 18 5.95 -15.82 -5.26
N ALA A 19 6.13 -16.02 -3.97
CA ALA A 19 7.27 -16.78 -3.55
C ALA A 19 7.20 -18.22 -4.16
N ALA A 20 6.03 -18.83 -4.22
CA ALA A 20 5.96 -20.23 -4.66
C ALA A 20 6.30 -20.28 -6.16
N TYR A 21 5.80 -19.27 -6.89
CA TYR A 21 5.97 -19.15 -8.34
C TYR A 21 7.44 -19.08 -8.64
N TYR A 22 8.12 -18.18 -7.95
CA TYR A 22 9.54 -18.00 -8.19
C TYR A 22 10.33 -19.20 -7.69
N ALA A 23 9.90 -19.82 -6.58
CA ALA A 23 10.60 -20.99 -6.04
C ALA A 23 10.49 -22.15 -7.00
N GLU A 24 9.34 -22.32 -7.65
CA GLU A 24 9.20 -23.45 -8.61
C GLU A 24 10.29 -23.35 -9.70
N ARG A 25 10.58 -22.15 -10.14
CA ARG A 25 11.53 -21.94 -11.21
CA ARG A 25 11.53 -21.92 -11.22
C ARG A 25 12.97 -21.95 -10.72
N ALA A 26 13.25 -21.35 -9.57
CA ALA A 26 14.64 -21.28 -9.09
C ALA A 26 15.20 -22.65 -8.64
N PHE A 27 14.30 -23.55 -8.20
CA PHE A 27 14.69 -24.83 -7.58
C PHE A 27 13.86 -25.96 -8.07
N PRO A 28 14.11 -26.43 -9.28
CA PRO A 28 13.34 -27.54 -9.83
C PRO A 28 13.31 -28.79 -8.91
N ASP A 29 14.36 -29.01 -8.10
CA ASP A 29 14.50 -30.23 -7.30
C ASP A 29 13.99 -30.08 -5.86
N LEU A 30 13.52 -28.89 -5.48
CA LEU A 30 13.02 -28.65 -4.12
C LEU A 30 11.50 -28.77 -3.99
N ASN A 31 11.10 -29.50 -2.96
CA ASN A 31 9.69 -29.68 -2.60
C ASN A 31 9.13 -28.41 -1.95
N ILE A 32 7.91 -28.02 -2.33
CA ILE A 32 7.32 -26.70 -1.91
C ILE A 32 5.96 -26.92 -1.35
N THR A 33 5.77 -26.55 -0.08
CA THR A 33 4.46 -26.57 0.55
C THR A 33 4.13 -25.16 1.04
N LEU A 34 2.89 -24.75 0.83
CA LEU A 34 2.42 -23.43 1.29
C LEU A 34 1.27 -23.61 2.26
N LEU A 35 1.47 -23.09 3.47
CA LEU A 35 0.47 -23.08 4.54
C LEU A 35 -0.25 -21.73 4.62
N GLU A 36 -1.57 -21.75 4.44
CA GLU A 36 -2.42 -20.58 4.59
C GLU A 36 -3.38 -20.79 5.74
N ALA A 37 -3.47 -19.85 6.67
CA ALA A 37 -4.32 -20.01 7.86
C ALA A 37 -5.82 -20.04 7.59
N GLY A 38 -6.28 -19.33 6.58
CA GLY A 38 -7.73 -19.12 6.40
C GLY A 38 -8.33 -19.96 5.29
N GLU A 39 -9.54 -19.62 4.91
CA GLU A 39 -10.28 -20.40 3.91
C GLU A 39 -9.93 -20.10 2.43
N ARG A 40 -9.03 -19.14 2.16
CA ARG A 40 -8.79 -18.63 0.79
C ARG A 40 -7.38 -18.12 0.67
N LEU A 41 -6.86 -18.10 -0.57
CA LEU A 41 -5.60 -17.45 -0.90
C LEU A 41 -5.90 -15.98 -1.19
N GLY A 42 -4.88 -15.12 -1.17
CA GLY A 42 -5.08 -13.72 -1.56
C GLY A 42 -4.74 -12.67 -0.53
N GLY A 43 -4.89 -13.04 0.74
CA GLY A 43 -4.58 -12.13 1.81
C GLY A 43 -5.48 -10.93 1.68
N LYS A 44 -4.88 -9.75 1.69
CA LYS A 44 -5.66 -8.50 1.53
C LYS A 44 -6.32 -8.28 0.16
N VAL A 45 -5.85 -8.97 -0.86
CA VAL A 45 -6.37 -8.82 -2.23
C VAL A 45 -7.64 -9.62 -2.28
N ALA A 46 -8.75 -8.97 -2.61
CA ALA A 46 -10.03 -9.64 -2.79
C ALA A 46 -10.88 -8.75 -3.74
N THR A 47 -11.65 -9.34 -4.66
CA THR A 47 -12.43 -8.55 -5.61
C THR A 47 -13.88 -9.02 -5.62
N TYR A 48 -14.79 -8.09 -5.38
CA TYR A 48 -16.22 -8.36 -5.52
C TYR A 48 -16.61 -8.43 -7.01
N ARG A 49 -17.10 -9.60 -7.44
CA ARG A 49 -17.38 -9.87 -8.85
C ARG A 49 -18.74 -10.55 -9.01
N GLU A 50 -19.81 -9.83 -8.74
CA GLU A 50 -21.16 -10.36 -8.95
C GLU A 50 -21.89 -9.27 -9.66
N ASP A 51 -22.97 -9.63 -10.37
CA ASP A 51 -23.83 -8.70 -11.09
C ASP A 51 -23.14 -7.79 -12.06
N GLY A 52 -22.10 -8.28 -12.73
CA GLY A 52 -21.33 -7.46 -13.67
C GLY A 52 -20.40 -6.43 -13.01
N PHE A 53 -20.41 -6.36 -11.68
CA PHE A 53 -19.45 -5.48 -10.97
C PHE A 53 -18.05 -6.13 -10.85
N THR A 54 -16.99 -5.32 -10.92
CA THR A 54 -15.63 -5.73 -10.52
C THR A 54 -15.08 -4.63 -9.57
N ILE A 55 -15.25 -4.84 -8.28
CA ILE A 55 -15.00 -3.80 -7.28
C ILE A 55 -13.98 -4.35 -6.29
N GLU A 56 -12.87 -3.63 -6.11
CA GLU A 56 -11.78 -4.12 -5.23
C GLU A 56 -12.12 -3.90 -3.76
N ARG A 57 -11.89 -4.91 -2.92
CA ARG A 57 -12.13 -4.80 -1.51
C ARG A 57 -10.91 -4.33 -0.76
N GLY A 58 -9.73 -4.65 -1.29
CA GLY A 58 -8.44 -4.20 -0.73
C GLY A 58 -7.69 -3.27 -1.67
N PRO A 59 -6.43 -3.57 -1.98
CA PRO A 59 -5.73 -2.79 -3.00
C PRO A 59 -6.53 -2.73 -4.32
N ASP A 60 -6.60 -1.58 -4.97
CA ASP A 60 -7.32 -1.55 -6.24
C ASP A 60 -6.39 -1.58 -7.44
N SER A 61 -5.11 -1.32 -7.21
CA SER A 61 -4.17 -1.12 -8.31
C SER A 61 -2.75 -1.09 -7.78
N TYR A 62 -1.79 -0.87 -8.67
CA TYR A 62 -0.38 -0.77 -8.34
C TYR A 62 0.28 0.26 -9.25
N VAL A 63 1.39 0.82 -8.78
CA VAL A 63 2.19 1.81 -9.53
CA VAL A 63 2.12 1.82 -9.55
C VAL A 63 2.87 1.19 -10.73
N ALA A 64 2.51 1.64 -11.94
CA ALA A 64 2.98 1.01 -13.18
C ALA A 64 4.49 1.00 -13.26
N ARG A 65 5.14 2.01 -12.68
CA ARG A 65 6.59 2.16 -12.77
C ARG A 65 7.27 1.00 -12.09
N LYS A 66 6.60 0.36 -11.13
CA LYS A 66 7.18 -0.81 -10.44
C LYS A 66 6.83 -2.05 -11.24
N HIS A 67 7.51 -2.17 -12.38
CA HIS A 67 7.13 -3.07 -13.48
C HIS A 67 7.34 -4.55 -13.18
N ILE A 68 7.95 -4.90 -12.05
CA ILE A 68 8.07 -6.32 -11.68
C ILE A 68 6.70 -7.02 -11.64
N LEU A 69 5.65 -6.32 -11.21
CA LEU A 69 4.33 -6.91 -11.11
C LEU A 69 3.70 -7.01 -12.52
N THR A 70 3.95 -5.99 -13.36
CA THR A 70 3.57 -6.04 -14.78
C THR A 70 4.20 -7.26 -15.45
N ASP A 71 5.48 -7.47 -15.18
CA ASP A 71 6.20 -8.59 -15.77
C ASP A 71 5.65 -9.96 -15.32
N LEU A 72 5.35 -10.08 -14.02
CA LEU A 72 4.72 -11.29 -13.48
C LEU A 72 3.37 -11.49 -14.15
N ILE A 73 2.59 -10.41 -14.27
CA ILE A 73 1.25 -10.51 -14.83
C ILE A 73 1.36 -10.97 -16.31
N GLU A 74 2.37 -10.47 -17.03
CA GLU A 74 2.50 -10.86 -18.42
C GLU A 74 2.93 -12.32 -18.50
N ALA A 75 3.95 -12.68 -17.72
CA ALA A 75 4.49 -14.03 -17.74
C ALA A 75 3.42 -15.08 -17.51
N ILE A 76 2.44 -14.80 -16.62
CA ILE A 76 1.37 -15.76 -16.31
C ILE A 76 0.12 -15.59 -17.23
N GLY A 77 0.24 -14.75 -18.24
CA GLY A 77 -0.79 -14.66 -19.27
C GLY A 77 -1.93 -13.72 -19.00
N LEU A 78 -1.71 -12.72 -18.15
CA LEU A 78 -2.80 -11.79 -17.85
C LEU A 78 -2.59 -10.41 -18.41
N GLY A 79 -1.54 -10.23 -19.21
CA GLY A 79 -1.21 -8.91 -19.82
C GLY A 79 -2.38 -8.28 -20.54
N GLU A 80 -3.15 -9.08 -21.25
CA GLU A 80 -4.29 -8.55 -22.03
C GLU A 80 -5.40 -7.91 -21.18
N LYS A 81 -5.39 -8.15 -19.86
CA LYS A 81 -6.39 -7.59 -18.95
C LYS A 81 -5.94 -6.30 -18.26
N LEU A 82 -4.76 -5.83 -18.55
CA LEU A 82 -4.22 -4.68 -17.87
C LEU A 82 -5.02 -3.44 -18.28
N VAL A 83 -5.42 -2.66 -17.30
CA VAL A 83 -6.08 -1.41 -17.55
C VAL A 83 -5.36 -0.37 -16.73
N ARG A 84 -5.45 0.87 -17.21
CA ARG A 84 -4.97 2.02 -16.49
C ARG A 84 -6.11 2.85 -15.91
N ASN A 85 -5.78 3.58 -14.86
CA ASN A 85 -6.71 4.45 -14.22
C ASN A 85 -6.97 5.70 -15.06
N ASN A 86 -8.21 6.17 -15.01
CA ASN A 86 -8.60 7.46 -15.58
C ASN A 86 -8.20 8.56 -14.63
N THR A 87 -7.72 9.66 -15.19
CA THR A 87 -7.46 10.88 -14.43
CA THR A 87 -7.51 10.86 -14.39
C THR A 87 -8.50 11.92 -14.83
N SER A 88 -8.98 12.71 -13.89
CA SER A 88 -9.87 13.87 -14.23
C SER A 88 -9.68 15.06 -13.26
N GLN A 89 -10.48 15.11 -12.18
CA GLN A 89 -10.21 16.07 -11.09
C GLN A 89 -10.23 15.38 -9.71
N ALA A 90 -9.19 15.63 -8.92
CA ALA A 90 -9.21 15.18 -7.52
C ALA A 90 -9.26 16.40 -6.58
N PHE A 91 -9.64 16.13 -5.32
CA PHE A 91 -9.97 17.17 -4.35
C PHE A 91 -9.32 16.89 -3.01
N ILE A 92 -9.17 17.94 -2.23
CA ILE A 92 -8.88 17.86 -0.79
C ILE A 92 -10.12 18.38 -0.09
N LEU A 93 -10.63 17.61 0.86
CA LEU A 93 -11.64 18.04 1.81
C LEU A 93 -11.00 18.46 3.10
N ASP A 94 -11.18 19.71 3.47
CA ASP A 94 -10.89 20.16 4.82
C ASP A 94 -12.11 20.82 5.49
N THR A 95 -11.88 21.48 6.61
CA THR A 95 -12.96 22.06 7.37
C THR A 95 -13.64 23.15 6.56
N GLY A 96 -12.92 23.77 5.64
CA GLY A 96 -13.48 24.76 4.73
C GLY A 96 -14.16 24.22 3.48
N GLY A 97 -14.38 22.91 3.38
CA GLY A 97 -15.06 22.32 2.22
C GLY A 97 -14.18 21.55 1.24
N LEU A 98 -14.72 21.32 0.04
CA LEU A 98 -14.06 20.54 -1.01
C LEU A 98 -13.29 21.45 -1.95
N HIS A 99 -11.97 21.37 -1.94
CA HIS A 99 -11.11 22.17 -2.81
C HIS A 99 -10.50 21.31 -3.89
N PRO A 100 -10.46 21.80 -5.14
CA PRO A 100 -9.72 21.03 -6.12
C PRO A 100 -8.24 21.06 -5.80
N ILE A 101 -7.54 19.97 -6.09
CA ILE A 101 -6.09 19.91 -5.87
CA ILE A 101 -6.10 19.91 -5.86
C ILE A 101 -5.47 21.07 -6.66
N PRO A 102 -4.65 21.91 -6.01
CA PRO A 102 -4.14 23.08 -6.75
C PRO A 102 -3.45 22.69 -8.02
N LYS A 103 -3.65 23.44 -9.09
CA LYS A 103 -2.83 23.22 -10.29
C LYS A 103 -1.49 23.89 -10.07
N GLY A 104 -0.57 23.65 -11.01
CA GLY A 104 0.75 24.25 -10.99
C GLY A 104 1.68 23.78 -9.88
N ALA A 105 1.64 22.47 -9.65
CA ALA A 105 2.35 21.84 -8.56
C ALA A 105 2.77 20.43 -8.94
N VAL A 106 3.92 19.99 -8.43
CA VAL A 106 4.35 18.60 -8.54
C VAL A 106 4.40 18.01 -7.12
N MSE A 107 3.55 17.02 -6.85
CA MSE A 107 3.41 16.40 -5.52
C MSE A 107 3.08 17.45 -4.45
O MSE A 107 3.60 17.41 -3.34
CB MSE A 107 4.68 15.64 -5.14
CG MSE A 107 5.38 14.98 -6.33
SE MSE A 107 4.91 13.13 -6.60
CE MSE A 107 2.99 13.08 -6.06
N GLY A 108 2.23 18.39 -4.82
CA GLY A 108 1.82 19.45 -3.92
C GLY A 108 2.80 20.59 -3.76
N ILE A 109 3.98 20.49 -4.37
CA ILE A 109 4.98 21.55 -4.31
C ILE A 109 4.82 22.42 -5.56
N PRO A 110 4.56 23.72 -5.36
CA PRO A 110 4.33 24.64 -6.47
C PRO A 110 5.51 24.77 -7.43
N THR A 111 5.23 24.66 -8.71
CA THR A 111 6.21 24.93 -9.76
C THR A 111 5.77 26.09 -10.65
N ASP A 112 4.48 26.46 -10.59
CA ASP A 112 3.94 27.65 -11.31
C ASP A 112 3.14 28.51 -10.33
N LEU A 113 3.80 29.54 -9.80
CA LEU A 113 3.25 30.28 -8.68
C LEU A 113 1.92 30.98 -9.02
N ASP A 114 1.76 31.43 -10.26
CA ASP A 114 0.54 32.14 -10.63
C ASP A 114 -0.66 31.18 -10.59
N LEU A 115 -0.49 30.01 -11.16
CA LEU A 115 -1.56 29.01 -11.26
C LEU A 115 -1.86 28.45 -9.88
N PHE A 116 -0.79 28.18 -9.13
CA PHE A 116 -0.91 27.65 -7.78
C PHE A 116 -1.66 28.56 -6.83
N ARG A 117 -1.38 29.85 -6.91
CA ARG A 117 -1.96 30.79 -5.96
C ARG A 117 -3.43 31.16 -6.25
N GLN A 118 -4.02 30.53 -7.26
CA GLN A 118 -5.46 30.53 -7.45
C GLN A 118 -6.19 29.66 -6.39
N THR A 119 -5.45 28.80 -5.71
CA THR A 119 -6.02 27.93 -4.71
C THR A 119 -6.68 28.65 -3.54
N THR A 120 -7.80 28.07 -3.10
CA THR A 120 -8.53 28.47 -1.91
C THR A 120 -8.11 27.66 -0.68
N LEU A 121 -7.12 26.79 -0.82
CA LEU A 121 -6.81 25.82 0.21
C LEU A 121 -5.98 26.49 1.29
N LEU A 122 -5.20 27.50 0.90
CA LEU A 122 -4.41 28.27 1.83
C LEU A 122 -4.97 29.71 1.85
N THR A 123 -4.77 30.43 2.93
CA THR A 123 -5.09 31.85 2.97
C THR A 123 -4.07 32.64 2.13
N GLU A 124 -4.39 33.90 1.85
CA GLU A 124 -3.54 34.78 1.04
CA GLU A 124 -3.53 34.71 1.01
C GLU A 124 -2.17 34.89 1.69
N GLU A 125 -2.18 35.08 3.00
CA GLU A 125 -0.95 35.20 3.73
C GLU A 125 -0.09 33.93 3.64
N GLU A 126 -0.71 32.76 3.81
CA GLU A 126 0.02 31.49 3.66
C GLU A 126 0.59 31.36 2.24
N LYS A 127 -0.18 31.74 1.23
CA LYS A 127 0.29 31.73 -0.16
C LYS A 127 1.50 32.64 -0.32
N GLN A 128 1.42 33.86 0.20
CA GLN A 128 2.54 34.76 0.06
C GLN A 128 3.75 34.13 0.71
N GLU A 129 3.55 33.48 1.83
CA GLU A 129 4.67 32.86 2.55
C GLU A 129 5.33 31.68 1.78
N VAL A 130 4.52 30.92 1.08
CA VAL A 130 5.02 29.82 0.24
C VAL A 130 5.85 30.39 -0.87
N ALA A 131 5.36 31.47 -1.49
CA ALA A 131 6.09 32.09 -2.60
C ALA A 131 7.45 32.60 -2.17
N ASP A 132 7.48 33.28 -1.02
CA ASP A 132 8.70 33.87 -0.52
C ASP A 132 9.71 32.81 -0.17
N LEU A 133 9.23 31.71 0.43
CA LEU A 133 10.11 30.57 0.76
C LEU A 133 10.69 29.93 -0.53
N LEU A 134 9.85 29.75 -1.56
CA LEU A 134 10.28 29.09 -2.80
C LEU A 134 11.27 29.94 -3.63
N LEU A 135 10.95 31.23 -3.80
CA LEU A 135 11.79 32.15 -4.59
C LEU A 135 12.99 32.69 -3.88
N HIS A 136 12.95 32.70 -2.53
CA HIS A 136 14.00 33.28 -1.72
C HIS A 136 14.45 32.35 -0.59
N PRO A 137 14.84 31.12 -0.96
CA PRO A 137 15.19 30.14 0.06
C PRO A 137 16.35 30.63 0.94
N SER A 138 16.29 30.30 2.23
CA SER A 138 17.29 30.70 3.18
C SER A 138 18.62 30.04 2.87
N ASP A 139 19.67 30.83 3.02
CA ASP A 139 21.04 30.34 2.85
C ASP A 139 21.40 29.34 3.92
N SER A 140 20.69 29.38 5.05
CA SER A 140 20.90 28.43 6.12
C SER A 140 20.40 27.00 5.81
N LEU A 141 19.55 26.81 4.81
CA LEU A 141 19.19 25.41 4.43
C LEU A 141 20.41 24.58 4.05
N ARG A 142 20.38 23.29 4.39
CA ARG A 142 21.42 22.33 4.01
C ARG A 142 20.76 21.08 3.45
N ILE A 143 21.29 20.58 2.33
CA ILE A 143 20.86 19.28 1.78
C ILE A 143 21.11 18.19 2.85
N PRO A 144 20.09 17.37 3.16
CA PRO A 144 20.36 16.34 4.18
C PRO A 144 21.29 15.25 3.64
N GLU A 145 22.37 15.00 4.37
CA GLU A 145 23.31 13.91 4.09
C GLU A 145 22.78 12.58 4.61
N GLN A 146 22.30 12.57 5.83
CA GLN A 146 21.66 11.40 6.44
C GLN A 146 20.13 11.54 6.25
N ASP A 147 19.43 10.40 6.20
CA ASP A 147 17.98 10.42 6.08
C ASP A 147 17.32 11.19 7.24
N ILE A 148 16.29 11.99 6.95
CA ILE A 148 15.51 12.63 8.02
C ILE A 148 14.06 12.46 7.62
N PRO A 149 13.13 12.65 8.56
CA PRO A 149 11.71 12.56 8.19
C PRO A 149 11.31 13.62 7.15
N LEU A 150 10.33 13.29 6.32
CA LEU A 150 9.87 14.13 5.21
C LEU A 150 9.44 15.50 5.69
N GLY A 151 8.76 15.49 6.83
CA GLY A 151 8.21 16.69 7.44
C GLY A 151 9.30 17.59 7.98
N GLU A 152 10.35 16.98 8.51
CA GLU A 152 11.51 17.75 8.90
C GLU A 152 12.22 18.32 7.67
N TYR A 153 12.27 17.58 6.55
CA TYR A 153 12.89 18.08 5.35
C TYR A 153 12.05 19.16 4.74
N LEU A 154 10.75 18.92 4.61
CA LEU A 154 9.87 19.82 3.92
C LEU A 154 9.46 21.10 4.68
N ARG A 155 9.23 21.03 6.00
CA ARG A 155 8.67 22.16 6.71
C ARG A 155 9.55 23.43 6.66
N PRO A 156 10.86 23.28 6.86
CA PRO A 156 11.68 24.50 6.74
C PRO A 156 11.74 25.12 5.33
N ARG A 157 11.48 24.32 4.29
CA ARG A 157 11.54 24.78 2.92
C ARG A 157 10.22 25.33 2.41
N LEU A 158 9.12 24.80 2.91
CA LEU A 158 7.79 25.10 2.37
C LEU A 158 6.83 25.70 3.40
N GLY A 159 7.18 25.64 4.68
CA GLY A 159 6.31 26.09 5.75
C GLY A 159 5.27 25.06 6.22
N ASP A 160 4.78 25.28 7.42
CA ASP A 160 3.89 24.32 8.08
C ASP A 160 2.54 24.22 7.41
N ALA A 161 1.97 25.37 7.03
CA ALA A 161 0.67 25.39 6.39
C ALA A 161 0.60 24.50 5.14
N LEU A 162 1.57 24.61 4.25
CA LEU A 162 1.48 23.82 2.98
C LEU A 162 1.66 22.32 3.28
N VAL A 163 2.59 21.99 4.16
CA VAL A 163 2.80 20.61 4.55
C VAL A 163 1.52 20.00 5.14
N GLU A 164 0.90 20.74 6.07
CA GLU A 164 -0.31 20.26 6.75
C GLU A 164 -1.56 20.20 5.92
N LYS A 165 -1.82 21.27 5.17
CA LYS A 165 -3.05 21.41 4.42
C LYS A 165 -3.03 20.71 3.07
N LEU A 166 -1.86 20.51 2.49
CA LEU A 166 -1.82 19.90 1.14
C LEU A 166 -0.93 18.64 1.02
N ILE A 167 0.34 18.73 1.42
CA ILE A 167 1.30 17.68 1.11
C ILE A 167 1.01 16.40 1.87
N GLU A 168 0.82 16.50 3.17
CA GLU A 168 0.50 15.32 3.96
C GLU A 168 -0.70 14.56 3.46
N PRO A 169 -1.87 15.21 3.33
CA PRO A 169 -2.98 14.40 2.86
C PRO A 169 -2.84 13.90 1.41
N LEU A 170 -2.21 14.70 0.56
CA LEU A 170 -1.92 14.30 -0.85
C LEU A 170 -0.98 13.10 -0.92
N LEU A 171 0.17 13.22 -0.30
CA LEU A 171 1.17 12.18 -0.40
C LEU A 171 0.82 10.94 0.42
N SER A 172 0.10 11.10 1.55
CA SER A 172 -0.33 9.95 2.33
C SER A 172 -1.46 9.18 1.68
N GLY A 173 -2.37 9.89 1.04
CA GLY A 173 -3.47 9.25 0.31
C GLY A 173 -4.23 8.31 1.24
N ILE A 174 -4.69 7.19 0.71
CA ILE A 174 -5.48 6.22 1.50
C ILE A 174 -4.69 5.58 2.68
N TYR A 175 -3.36 5.58 2.62
CA TYR A 175 -2.53 4.99 3.65
C TYR A 175 -2.43 5.83 4.94
N ALA A 176 -2.66 7.14 4.84
CA ALA A 176 -2.90 7.94 6.03
C ALA A 176 -1.72 8.12 6.98
N GLY A 177 -0.50 7.86 6.50
CA GLY A 177 0.68 7.96 7.33
C GLY A 177 1.02 9.37 7.74
N ASN A 178 1.95 9.47 8.67
CA ASN A 178 2.31 10.73 9.23
C ASN A 178 3.50 11.28 8.45
N ILE A 179 3.31 12.38 7.74
CA ILE A 179 4.42 12.98 7.03
C ILE A 179 5.66 13.19 7.93
N ASP A 180 5.47 13.49 9.23
CA ASP A 180 6.61 13.81 10.11
C ASP A 180 7.41 12.59 10.61
N GLN A 181 6.99 11.39 10.25
CA GLN A 181 7.77 10.17 10.64
C GLN A 181 8.37 9.37 9.45
N MSE A 182 7.69 9.45 8.29
CA MSE A 182 8.11 8.79 7.04
C MSE A 182 9.51 9.24 6.67
O MSE A 182 9.87 10.36 6.90
CB MSE A 182 7.26 9.24 5.87
CG MSE A 182 5.88 8.68 5.66
SE MSE A 182 5.15 9.89 4.24
CE MSE A 182 3.39 9.61 4.96
N SER A 183 10.29 8.36 6.06
CA SER A 183 11.63 8.67 5.55
C SER A 183 11.56 9.60 4.32
N THR A 184 12.55 10.46 4.17
CA THR A 184 12.64 11.27 2.97
C THR A 184 13.28 10.40 1.89
N PHE A 185 14.43 9.80 2.18
CA PHE A 185 15.20 9.10 1.15
C PHE A 185 14.46 7.88 0.60
N ALA A 186 13.63 7.25 1.43
CA ALA A 186 12.94 6.05 1.01
C ALA A 186 11.65 6.35 0.29
N THR A 187 11.16 7.59 0.33
CA THR A 187 9.84 7.87 -0.24
C THR A 187 9.97 8.80 -1.44
N TYR A 188 10.70 9.90 -1.29
CA TYR A 188 10.84 10.89 -2.35
C TYR A 188 12.30 11.35 -2.53
N PRO A 189 13.24 10.41 -2.81
CA PRO A 189 14.66 10.76 -2.95
C PRO A 189 14.92 11.77 -4.09
N GLN A 190 14.02 11.78 -5.07
CA GLN A 190 14.12 12.71 -6.20
CA GLN A 190 14.17 12.71 -6.19
C GLN A 190 13.97 14.18 -5.77
N PHE A 191 13.20 14.43 -4.71
CA PHE A 191 13.14 15.79 -4.16
C PHE A 191 14.53 16.32 -3.84
N VAL A 192 15.30 15.50 -3.15
CA VAL A 192 16.61 15.92 -2.64
C VAL A 192 17.65 15.98 -3.80
N ALA A 193 17.59 14.96 -4.66
CA ALA A 193 18.46 14.87 -5.85
C ALA A 193 18.27 16.14 -6.72
N ASN A 194 17.02 16.47 -7.01
CA ASN A 194 16.72 17.63 -7.82
C ASN A 194 17.05 18.94 -7.16
N GLU A 195 16.84 19.05 -5.85
CA GLU A 195 17.25 20.22 -5.10
C GLU A 195 18.76 20.44 -5.21
N GLN A 196 19.50 19.35 -5.10
CA GLN A 196 20.95 19.45 -5.13
C GLN A 196 21.43 19.89 -6.52
N LYS A 197 20.78 19.40 -7.56
CA LYS A 197 21.10 19.73 -8.96
C LYS A 197 20.73 21.19 -9.29
N ALA A 198 19.50 21.58 -8.93
CA ALA A 198 18.95 22.90 -9.26
C ALA A 198 19.30 23.96 -8.24
N GLY A 199 19.94 23.57 -7.14
CA GLY A 199 20.32 24.50 -6.04
C GLY A 199 19.20 25.02 -5.12
N SER A 200 17.95 24.75 -5.45
CA SER A 200 16.82 25.09 -4.56
C SER A 200 15.70 24.10 -4.79
N LEU A 201 14.83 23.89 -3.78
CA LEU A 201 13.72 22.95 -3.94
C LEU A 201 12.73 23.31 -5.05
N PHE A 202 12.36 24.59 -5.11
CA PHE A 202 11.48 25.11 -6.16
C PHE A 202 12.00 24.83 -7.58
N GLU A 203 13.29 25.07 -7.82
CA GLU A 203 13.86 24.80 -9.15
C GLU A 203 14.14 23.30 -9.36
N GLY A 204 14.28 22.56 -8.27
CA GLY A 204 14.38 21.12 -8.38
C GLY A 204 13.07 20.50 -8.85
N MSE A 205 11.96 20.93 -8.25
CA MSE A 205 10.64 20.45 -8.70
C MSE A 205 10.30 20.91 -10.11
O MSE A 205 9.54 20.26 -10.82
CB MSE A 205 9.53 20.89 -7.74
CG MSE A 205 9.70 20.46 -6.31
SE MSE A 205 10.07 18.55 -6.15
CE MSE A 205 8.41 17.87 -6.87
N ARG A 206 10.85 22.06 -10.49
CA ARG A 206 10.64 22.56 -11.85
C ARG A 206 11.35 21.70 -12.91
N LEU A 207 12.51 21.11 -12.60
CA LEU A 207 13.12 20.11 -13.49
C LEU A 207 12.18 18.92 -13.74
N MSE A 208 11.34 18.59 -12.75
CA MSE A 208 10.40 17.45 -12.81
C MSE A 208 9.04 17.74 -13.45
O MSE A 208 8.17 16.86 -13.42
CB MSE A 208 10.13 16.91 -11.38
CG MSE A 208 11.35 16.35 -10.63
SE MSE A 208 10.96 15.74 -8.76
CE MSE A 208 9.47 14.48 -9.23
N ARG A 209 8.81 18.94 -13.98
CA ARG A 209 7.47 19.27 -14.52
C ARG A 209 7.16 18.45 -15.77
N PRO A 210 5.88 18.08 -15.94
CA PRO A 210 5.40 17.32 -17.13
C PRO A 210 5.47 18.08 -18.47
N THR A 225 -5.19 7.03 -19.12
CA THR A 225 -3.80 7.32 -18.78
C THR A 225 -3.64 8.06 -17.42
N GLY A 226 -3.41 7.27 -16.36
CA GLY A 226 -2.89 7.74 -15.07
C GLY A 226 -1.68 6.88 -14.74
N GLN A 227 -1.15 7.00 -13.51
CA GLN A 227 0.07 6.28 -13.14
C GLN A 227 -0.14 4.81 -12.65
N PHE A 228 -1.40 4.34 -12.58
CA PHE A 228 -1.75 3.06 -11.93
C PHE A 228 -2.28 1.99 -12.90
N LEU A 229 -2.01 0.71 -12.57
CA LEU A 229 -2.52 -0.45 -13.32
C LEU A 229 -3.36 -1.33 -12.44
N SER A 230 -4.50 -1.79 -12.97
CA SER A 230 -5.22 -2.91 -12.42
C SER A 230 -5.53 -3.92 -13.52
N LEU A 231 -6.38 -4.88 -13.23
CA LEU A 231 -6.82 -5.84 -14.22
C LEU A 231 -8.33 -5.78 -14.40
N GLU A 232 -8.73 -5.95 -15.66
CA GLU A 232 -10.11 -5.92 -16.09
CA GLU A 232 -10.11 -5.90 -16.08
C GLU A 232 -10.90 -6.98 -15.35
N THR A 233 -10.25 -8.10 -15.09
CA THR A 233 -10.88 -9.22 -14.45
C THR A 233 -10.69 -9.14 -12.94
N GLY A 234 -10.11 -8.05 -12.46
CA GLY A 234 -10.00 -7.80 -11.00
C GLY A 234 -8.70 -8.34 -10.46
N LEU A 235 -8.22 -7.75 -9.36
CA LEU A 235 -6.90 -8.13 -8.85
C LEU A 235 -6.96 -9.52 -8.28
N GLU A 236 -8.14 -9.97 -7.86
CA GLU A 236 -8.21 -11.35 -7.37
C GLU A 236 -7.92 -12.38 -8.48
N SER A 237 -8.15 -12.01 -9.74
CA SER A 237 -7.83 -12.91 -10.87
C SER A 237 -6.33 -13.17 -10.95
N LEU A 238 -5.52 -12.22 -10.52
CA LEU A 238 -4.08 -12.45 -10.41
C LEU A 238 -3.79 -13.56 -9.39
N ILE A 239 -4.46 -13.53 -8.23
CA ILE A 239 -4.27 -14.56 -7.19
C ILE A 239 -4.63 -15.97 -7.75
N GLU A 240 -5.77 -16.03 -8.40
CA GLU A 240 -6.32 -17.23 -9.00
C GLU A 240 -5.38 -17.78 -10.06
N ARG A 241 -4.86 -16.93 -10.93
CA ARG A 241 -3.93 -17.40 -11.97
CA ARG A 241 -3.94 -17.40 -11.97
C ARG A 241 -2.61 -17.85 -11.37
N LEU A 242 -2.13 -17.18 -10.32
CA LEU A 242 -0.89 -17.66 -9.70
C LEU A 242 -1.04 -19.09 -9.19
N GLU A 243 -2.14 -19.36 -8.50
CA GLU A 243 -2.38 -20.68 -7.99
C GLU A 243 -2.41 -21.67 -9.13
N GLU A 244 -3.20 -21.33 -10.14
CA GLU A 244 -3.34 -22.17 -11.35
C GLU A 244 -2.01 -22.53 -12.05
N VAL A 245 -1.06 -21.61 -12.19
CA VAL A 245 0.21 -21.92 -12.85
C VAL A 245 1.24 -22.65 -11.99
N LEU A 246 1.00 -22.81 -10.69
CA LEU A 246 1.89 -23.60 -9.85
C LEU A 246 1.72 -25.07 -10.28
N GLU A 247 2.83 -25.75 -10.50
CA GLU A 247 2.75 -27.13 -11.01
C GLU A 247 3.07 -28.22 -10.00
N ARG A 248 3.77 -27.89 -8.93
CA ARG A 248 4.08 -28.91 -7.95
C ARG A 248 3.98 -28.45 -6.48
N SER A 249 3.76 -27.18 -6.24
CA SER A 249 3.60 -26.68 -4.87
C SER A 249 2.32 -27.19 -4.25
N GLU A 250 2.38 -27.71 -3.04
CA GLU A 250 1.19 -28.15 -2.33
CA GLU A 250 1.20 -28.17 -2.31
C GLU A 250 0.62 -27.00 -1.49
N ILE A 251 -0.64 -26.62 -1.75
CA ILE A 251 -1.28 -25.50 -1.04
C ILE A 251 -2.16 -26.08 0.05
N ARG A 252 -1.92 -25.74 1.32
CA ARG A 252 -2.82 -26.20 2.39
C ARG A 252 -3.61 -25.03 2.95
N LEU A 253 -4.91 -25.00 2.69
CA LEU A 253 -5.74 -23.95 3.26
C LEU A 253 -6.15 -24.35 4.68
N GLU A 254 -6.70 -23.41 5.42
CA GLU A 254 -7.16 -23.65 6.78
C GLU A 254 -6.08 -24.36 7.59
N THR A 255 -4.81 -23.99 7.43
CA THR A 255 -3.72 -24.62 8.14
C THR A 255 -2.76 -23.58 8.68
N PRO A 256 -3.15 -22.94 9.79
CA PRO A 256 -2.23 -21.96 10.32
C PRO A 256 -0.98 -22.60 10.86
N LEU A 257 0.14 -21.90 10.75
CA LEU A 257 1.38 -22.34 11.40
C LEU A 257 1.27 -21.86 12.83
N LEU A 258 1.49 -22.77 13.77
CA LEU A 258 1.28 -22.53 15.20
C LEU A 258 2.57 -22.46 16.00
N ALA A 259 3.65 -23.05 15.50
CA ALA A 259 4.91 -23.11 16.26
C ALA A 259 6.00 -23.65 15.37
N ILE A 260 7.23 -23.24 15.66
CA ILE A 260 8.44 -23.75 14.96
C ILE A 260 9.40 -24.40 16.00
N SER A 261 9.80 -25.64 15.77
CA SER A 261 10.77 -26.32 16.68
C SER A 261 11.92 -26.89 15.92
N ARG A 262 13.02 -27.10 16.62
CA ARG A 262 14.20 -27.59 15.98
C ARG A 262 14.14 -29.13 15.84
N GLU A 263 14.50 -29.63 14.66
CA GLU A 263 14.67 -31.06 14.38
C GLU A 263 16.08 -31.22 13.88
N ASP A 264 17.05 -31.09 14.77
CA ASP A 264 18.47 -31.33 14.44
C ASP A 264 18.91 -30.73 13.09
N GLY A 265 18.75 -29.41 12.93
CA GLY A 265 19.18 -28.74 11.71
C GLY A 265 18.00 -28.43 10.77
N ARG A 266 16.94 -29.20 10.88
CA ARG A 266 15.72 -28.96 10.13
C ARG A 266 14.72 -28.37 11.12
N TYR A 267 13.48 -28.18 10.69
CA TYR A 267 12.46 -27.64 11.55
C TYR A 267 11.21 -28.47 11.50
N ARG A 268 10.54 -28.55 12.62
CA ARG A 268 9.27 -29.18 12.72
C ARG A 268 8.27 -28.05 12.87
N LEU A 269 7.32 -27.98 11.94
CA LEU A 269 6.32 -26.88 11.92
C LEU A 269 4.99 -27.41 12.40
N LYS A 270 4.53 -26.87 13.53
CA LYS A 270 3.30 -27.32 14.16
C LYS A 270 2.05 -26.73 13.52
N THR A 271 1.07 -27.58 13.21
CA THR A 271 -0.24 -27.15 12.66
C THR A 271 -1.33 -27.96 13.33
N ASP A 272 -2.58 -27.60 13.14
CA ASP A 272 -3.70 -28.35 13.73
C ASP A 272 -3.82 -29.81 13.29
N HIS A 273 -3.28 -30.11 12.11
CA HIS A 273 -3.41 -31.43 11.50
C HIS A 273 -2.03 -32.09 11.39
N GLY A 274 -1.18 -31.93 12.39
CA GLY A 274 0.12 -32.57 12.38
C GLY A 274 1.24 -31.74 11.77
N PRO A 275 2.48 -32.17 12.03
CA PRO A 275 3.61 -31.33 11.72
C PRO A 275 4.00 -31.38 10.27
N GLU A 276 4.62 -30.31 9.79
CA GLU A 276 5.30 -30.31 8.49
C GLU A 276 6.77 -30.19 8.77
N TYR A 277 7.63 -30.90 8.02
CA TYR A 277 9.07 -30.80 8.28
C TYR A 277 9.70 -29.98 7.18
N ALA A 278 10.55 -29.04 7.54
CA ALA A 278 11.13 -28.12 6.55
C ALA A 278 12.63 -27.93 6.73
N ASP A 279 13.32 -27.67 5.63
CA ASP A 279 14.69 -27.20 5.66
C ASP A 279 14.71 -25.68 5.52
N TYR A 280 13.84 -25.13 4.66
CA TYR A 280 13.75 -23.68 4.46
C TYR A 280 12.35 -23.23 4.77
N VAL A 281 12.24 -22.13 5.51
CA VAL A 281 10.96 -21.56 5.85
C VAL A 281 10.92 -20.09 5.40
N LEU A 282 9.92 -19.72 4.61
CA LEU A 282 9.66 -18.32 4.24
C LEU A 282 8.39 -17.87 4.95
N LEU A 283 8.57 -17.00 5.95
CA LEU A 283 7.45 -16.39 6.66
C LEU A 283 6.97 -15.11 5.92
N THR A 284 5.69 -15.08 5.53
CA THR A 284 5.11 -13.95 4.81
C THR A 284 3.88 -13.45 5.54
N ILE A 285 3.73 -13.92 6.78
CA ILE A 285 2.59 -13.64 7.62
C ILE A 285 2.86 -12.33 8.41
N PRO A 286 1.84 -11.81 9.10
CA PRO A 286 2.06 -10.54 9.79
C PRO A 286 3.23 -10.63 10.79
N HIS A 287 4.03 -9.58 10.83
CA HIS A 287 5.25 -9.54 11.61
C HIS A 287 5.14 -9.79 13.15
N PRO A 288 4.03 -9.43 13.79
CA PRO A 288 3.91 -9.81 15.22
C PRO A 288 3.75 -11.33 15.43
N GLN A 289 3.29 -12.06 14.43
CA GLN A 289 3.32 -13.50 14.53
C GLN A 289 4.71 -14.02 14.31
N VAL A 290 5.54 -13.32 13.53
CA VAL A 290 6.94 -13.69 13.37
C VAL A 290 7.68 -13.64 14.70
N VAL A 291 7.48 -12.55 15.42
CA VAL A 291 8.10 -12.36 16.73
C VAL A 291 7.71 -13.51 17.68
N GLN A 292 6.43 -13.87 17.69
CA GLN A 292 5.94 -14.91 18.60
C GLN A 292 6.46 -16.31 18.20
N LEU A 293 6.47 -16.59 16.90
CA LEU A 293 6.93 -17.88 16.38
C LEU A 293 8.44 -18.11 16.52
N LEU A 294 9.22 -17.04 16.67
CA LEU A 294 10.69 -17.17 16.76
C LEU A 294 11.21 -16.62 18.08
N PRO A 295 10.92 -17.32 19.18
CA PRO A 295 11.22 -16.79 20.52
C PRO A 295 12.69 -16.67 20.87
N ASP A 296 13.57 -17.43 20.20
CA ASP A 296 15.02 -17.31 20.41
C ASP A 296 15.63 -16.16 19.66
N ALA A 297 14.84 -15.48 18.83
CA ALA A 297 15.33 -14.35 18.12
C ALA A 297 14.90 -13.08 18.86
N HIS A 298 15.83 -12.15 19.00
CA HIS A 298 15.58 -10.86 19.66
C HIS A 298 15.26 -9.84 18.57
N LEU A 299 13.97 -9.50 18.44
CA LEU A 299 13.45 -8.75 17.30
C LEU A 299 12.68 -7.48 17.74
N PRO A 300 13.31 -6.60 18.54
CA PRO A 300 12.57 -5.44 19.05
C PRO A 300 12.12 -4.54 17.89
N GLU A 301 12.91 -4.50 16.81
CA GLU A 301 12.54 -3.73 15.60
C GLU A 301 11.14 -4.13 15.14
N LEU A 302 10.85 -5.42 15.13
CA LEU A 302 9.51 -5.87 14.77
C LEU A 302 8.46 -5.62 15.85
N GLU A 303 8.84 -5.69 17.13
CA GLU A 303 7.89 -5.36 18.23
C GLU A 303 7.46 -3.88 18.19
N GLN A 304 8.36 -3.01 17.78
CA GLN A 304 8.06 -1.58 17.68
C GLN A 304 7.53 -1.13 16.34
N LEU A 305 7.33 -2.05 15.38
CA LEU A 305 6.75 -1.68 14.10
C LEU A 305 5.24 -1.66 14.24
N THR A 306 4.67 -0.46 14.26
CA THR A 306 3.25 -0.30 14.51
C THR A 306 2.42 -0.35 13.26
N THR A 307 1.12 -0.54 13.45
CA THR A 307 0.18 -0.58 12.36
C THR A 307 -1.11 0.13 12.76
N HIS A 308 -1.96 0.34 11.76
CA HIS A 308 -3.37 0.70 11.99
C HIS A 308 -4.26 -0.14 11.06
N SER A 309 -5.56 -0.19 11.39
CA SER A 309 -6.55 -0.90 10.60
C SER A 309 -7.34 0.02 9.71
N THR A 310 -7.78 -0.52 8.58
CA THR A 310 -8.54 0.22 7.59
C THR A 310 -9.79 -0.58 7.25
N ALA A 311 -10.91 0.11 7.09
CA ALA A 311 -12.09 -0.46 6.40
C ALA A 311 -12.31 0.26 5.05
N THR A 312 -12.72 -0.50 4.04
CA THR A 312 -13.25 0.09 2.82
C THR A 312 -14.76 -0.14 2.82
N VAL A 313 -15.50 0.91 2.49
CA VAL A 313 -16.95 0.86 2.50
C VAL A 313 -17.37 1.35 1.12
N THR A 314 -17.90 0.44 0.31
CA THR A 314 -18.22 0.72 -1.07
C THR A 314 -19.73 0.79 -1.16
N MSE A 315 -20.23 1.87 -1.76
CA MSE A 315 -21.68 2.06 -1.94
C MSE A 315 -22.03 2.11 -3.44
O MSE A 315 -21.47 2.94 -4.16
CB MSE A 315 -22.11 3.37 -1.30
CG MSE A 315 -22.13 3.30 0.21
SE MSE A 315 -21.83 5.02 1.01
CE MSE A 315 -22.73 4.49 2.60
N ILE A 316 -22.92 1.21 -3.85
CA ILE A 316 -23.35 1.08 -5.22
C ILE A 316 -24.70 1.81 -5.31
N PHE A 317 -24.76 2.79 -6.20
CA PHE A 317 -25.99 3.54 -6.47
C PHE A 317 -26.41 3.33 -7.89
N ASP A 318 -27.72 3.38 -8.15
CA ASP A 318 -28.19 3.48 -9.52
C ASP A 318 -27.54 4.71 -10.17
N GLN A 319 -27.22 4.60 -11.45
CA GLN A 319 -26.47 5.64 -12.16
C GLN A 319 -27.09 7.00 -11.86
N GLN A 320 -26.25 7.99 -11.59
CA GLN A 320 -26.69 9.27 -11.05
C GLN A 320 -26.66 10.35 -12.09
N GLN A 321 -27.71 11.17 -12.11
CA GLN A 321 -27.81 12.36 -13.00
C GLN A 321 -26.92 13.53 -12.53
N SER A 322 -26.78 13.73 -11.22
CA SER A 322 -25.79 14.67 -10.67
C SER A 322 -24.69 13.87 -9.93
N LEU A 323 -23.51 13.74 -10.56
CA LEU A 323 -22.38 13.03 -9.96
C LEU A 323 -22.12 13.52 -8.53
N PRO A 324 -22.12 12.60 -7.54
CA PRO A 324 -21.86 12.96 -6.13
C PRO A 324 -20.48 13.61 -5.87
N ILE A 325 -19.47 13.22 -6.65
CA ILE A 325 -18.19 13.91 -6.67
C ILE A 325 -17.86 14.21 -8.15
N GLU A 326 -17.45 15.45 -8.46
CA GLU A 326 -17.19 15.86 -9.87
C GLU A 326 -15.72 15.59 -10.28
N GLY A 327 -15.33 14.32 -10.22
CA GLY A 327 -13.95 13.91 -10.50
C GLY A 327 -13.69 12.48 -10.02
N THR A 328 -12.42 12.09 -9.87
CA THR A 328 -12.13 10.69 -9.50
C THR A 328 -12.25 10.44 -8.00
N GLY A 329 -11.95 11.45 -7.17
CA GLY A 329 -12.21 11.37 -5.74
C GLY A 329 -11.54 12.44 -4.91
N PHE A 330 -11.50 12.24 -3.60
CA PHE A 330 -10.91 13.21 -2.68
C PHE A 330 -10.20 12.56 -1.49
N VAL A 331 -9.20 13.25 -0.95
CA VAL A 331 -8.55 12.91 0.32
C VAL A 331 -8.99 13.91 1.41
N VAL A 332 -9.06 13.48 2.67
CA VAL A 332 -9.57 14.32 3.76
C VAL A 332 -8.45 14.76 4.72
N ASN A 333 -8.44 16.04 5.03
CA ASN A 333 -7.54 16.55 6.06
C ASN A 333 -7.99 15.94 7.40
N ARG A 334 -7.03 15.39 8.13
CA ARG A 334 -7.27 14.68 9.39
C ARG A 334 -7.91 15.60 10.46
N ARG A 335 -7.71 16.91 10.32
CA ARG A 335 -8.34 17.88 11.22
C ARG A 335 -9.84 18.08 11.03
N ALA A 336 -10.40 17.61 9.91
CA ALA A 336 -11.78 17.98 9.54
C ALA A 336 -12.75 17.06 10.25
N PRO A 337 -14.03 17.46 10.43
CA PRO A 337 -14.95 16.62 11.22
C PRO A 337 -15.61 15.46 10.43
N TYR A 338 -14.81 14.46 10.06
CA TYR A 338 -15.29 13.33 9.25
C TYR A 338 -14.65 12.04 9.72
N SER A 339 -15.36 10.94 9.56
CA SER A 339 -14.83 9.62 9.77
C SER A 339 -14.02 9.12 8.59
N ILE A 340 -14.40 9.46 7.35
CA ILE A 340 -13.67 8.99 6.19
C ILE A 340 -12.35 9.75 5.92
N THR A 341 -11.31 9.02 5.53
CA THR A 341 -10.03 9.62 5.21
C THR A 341 -9.87 9.88 3.71
N ALA A 342 -10.68 9.21 2.89
CA ALA A 342 -10.66 9.37 1.44
C ALA A 342 -11.89 8.72 0.87
N CYS A 343 -12.27 9.10 -0.34
CA CYS A 343 -13.35 8.45 -1.08
C CYS A 343 -13.05 8.50 -2.57
N THR A 344 -13.39 7.42 -3.27
CA THR A 344 -13.15 7.35 -4.71
C THR A 344 -14.46 7.07 -5.43
N ALA A 345 -14.63 7.75 -6.57
CA ALA A 345 -15.70 7.47 -7.50
C ALA A 345 -15.15 6.38 -8.40
N ILE A 346 -15.29 5.14 -7.93
CA ILE A 346 -14.77 3.95 -8.60
C ILE A 346 -15.14 3.92 -10.10
N ASP A 347 -16.40 4.23 -10.40
CA ASP A 347 -16.85 4.17 -11.80
C ASP A 347 -16.22 5.26 -12.67
N GLN A 348 -15.75 6.35 -12.06
CA GLN A 348 -14.96 7.35 -12.78
C GLN A 348 -13.49 6.97 -12.96
N LYS A 349 -12.92 6.26 -11.98
CA LYS A 349 -11.47 5.99 -12.00
C LYS A 349 -11.22 4.76 -12.86
N TRP A 350 -12.12 3.77 -12.81
CA TRP A 350 -11.99 2.51 -13.57
C TRP A 350 -13.18 2.24 -14.51
N ASN A 351 -12.92 2.30 -15.82
CA ASN A 351 -13.95 2.01 -16.80
C ASN A 351 -14.57 0.64 -16.61
N HIS A 352 -13.79 -0.36 -16.21
CA HIS A 352 -14.28 -1.76 -16.13
C HIS A 352 -15.11 -2.15 -14.90
N SER A 353 -15.06 -1.35 -13.84
CA SER A 353 -15.57 -1.80 -12.54
C SER A 353 -17.09 -1.82 -12.34
N ALA A 354 -17.79 -0.88 -12.98
CA ALA A 354 -19.20 -0.65 -12.66
C ALA A 354 -19.84 0.21 -13.76
N PRO A 355 -19.94 -0.35 -14.96
CA PRO A 355 -20.27 0.38 -16.18
C PRO A 355 -21.53 1.27 -16.11
N ASP A 356 -22.61 0.75 -15.52
CA ASP A 356 -23.89 1.49 -15.52
C ASP A 356 -24.32 1.91 -14.14
N HIS A 357 -23.37 2.34 -13.32
CA HIS A 357 -23.66 2.72 -11.96
C HIS A 357 -22.70 3.76 -11.44
N THR A 358 -23.10 4.38 -10.33
CA THR A 358 -22.27 5.29 -9.60
C THR A 358 -21.84 4.50 -8.39
N VAL A 359 -20.52 4.34 -8.23
CA VAL A 359 -19.99 3.58 -7.11
C VAL A 359 -18.96 4.40 -6.37
N LEU A 360 -19.19 4.56 -5.06
CA LEU A 360 -18.29 5.29 -4.19
C LEU A 360 -17.57 4.29 -3.25
N ARG A 361 -16.26 4.42 -3.11
CA ARG A 361 -15.49 3.60 -2.14
C ARG A 361 -14.82 4.54 -1.14
N ALA A 362 -15.30 4.53 0.09
CA ALA A 362 -14.71 5.32 1.18
C ALA A 362 -13.73 4.46 1.99
N PHE A 363 -12.67 5.09 2.48
CA PHE A 363 -11.72 4.47 3.39
C PHE A 363 -11.89 5.08 4.78
N VAL A 364 -11.73 4.24 5.80
CA VAL A 364 -11.82 4.65 7.22
C VAL A 364 -10.64 4.02 7.97
N GLY A 365 -9.96 4.81 8.80
CA GLY A 365 -8.87 4.32 9.60
C GLY A 365 -7.59 5.13 9.40
N ARG A 366 -7.02 5.61 10.51
CA ARG A 366 -5.71 6.30 10.54
C ARG A 366 -4.86 5.78 11.68
N PRO A 367 -3.55 6.04 11.65
CA PRO A 367 -2.75 5.59 12.78
C PRO A 367 -3.14 6.35 14.06
N GLY A 368 -3.41 5.59 15.11
CA GLY A 368 -3.82 6.16 16.37
C GLY A 368 -5.29 6.54 16.39
N ASN A 369 -6.02 6.30 15.30
CA ASN A 369 -7.43 6.69 15.22
C ASN A 369 -8.14 5.81 14.21
N ASP A 370 -8.52 4.61 14.64
CA ASP A 370 -9.12 3.64 13.72
C ASP A 370 -10.20 2.80 14.40
N HIS A 371 -10.76 3.33 15.50
CA HIS A 371 -11.71 2.56 16.29
C HIS A 371 -12.95 2.17 15.49
N LEU A 372 -13.41 3.05 14.58
CA LEU A 372 -14.56 2.71 13.71
C LEU A 372 -14.39 1.37 13.00
N VAL A 373 -13.15 0.97 12.71
CA VAL A 373 -12.90 -0.27 11.96
C VAL A 373 -13.32 -1.53 12.77
N HIS A 374 -13.23 -1.44 14.09
CA HIS A 374 -13.65 -2.50 15.01
C HIS A 374 -15.13 -2.45 15.38
N GLU A 375 -15.86 -1.43 14.94
CA GLU A 375 -17.29 -1.35 15.25
C GLU A 375 -18.09 -2.18 14.25
N SER A 376 -19.36 -2.37 14.56
CA SER A 376 -20.29 -3.11 13.69
C SER A 376 -20.44 -2.47 12.33
N ASP A 377 -20.85 -3.30 11.36
CA ASP A 377 -21.24 -2.83 10.02
C ASP A 377 -22.24 -1.66 9.98
N GLU A 378 -23.22 -1.66 10.88
CA GLU A 378 -24.25 -0.61 10.87
C GLU A 378 -23.68 0.71 11.35
N VAL A 379 -22.83 0.67 12.39
CA VAL A 379 -22.17 1.89 12.88
C VAL A 379 -21.15 2.47 11.86
N LEU A 380 -20.37 1.59 11.24
CA LEU A 380 -19.41 1.97 10.19
C LEU A 380 -20.14 2.56 8.97
N GLN A 381 -21.17 1.86 8.53
CA GLN A 381 -21.95 2.32 7.40
C GLN A 381 -22.61 3.68 7.66
N GLN A 382 -23.20 3.82 8.85
CA GLN A 382 -23.89 5.06 9.20
C GLN A 382 -22.91 6.25 9.22
N ALA A 383 -21.72 6.06 9.81
CA ALA A 383 -20.71 7.11 9.84
C ALA A 383 -20.30 7.51 8.41
N VAL A 384 -20.02 6.52 7.56
CA VAL A 384 -19.63 6.79 6.18
C VAL A 384 -20.77 7.53 5.45
N LEU A 385 -22.01 7.09 5.65
CA LEU A 385 -23.17 7.72 4.99
C LEU A 385 -23.35 9.17 5.41
N GLN A 386 -23.31 9.42 6.71
CA GLN A 386 -23.41 10.79 7.20
C GLN A 386 -22.34 11.70 6.59
N ASP A 387 -21.11 11.20 6.51
CA ASP A 387 -20.03 12.01 5.96
C ASP A 387 -20.40 12.36 4.55
N LEU A 388 -20.74 11.37 3.75
CA LEU A 388 -20.96 11.61 2.33
C LEU A 388 -22.18 12.53 2.09
N GLU A 389 -23.25 12.30 2.84
CA GLU A 389 -24.43 13.13 2.67
C GLU A 389 -24.10 14.59 2.97
N LYS A 390 -23.21 14.82 3.92
CA LYS A 390 -22.82 16.17 4.24
C LYS A 390 -21.94 16.71 3.11
N ILE A 391 -20.97 15.91 2.69
CA ILE A 391 -20.02 16.31 1.64
C ILE A 391 -20.78 16.57 0.33
N CYS A 392 -21.68 15.66 -0.04
CA CYS A 392 -22.34 15.76 -1.35
C CYS A 392 -23.51 16.72 -1.43
N GLY A 393 -23.94 17.26 -0.29
CA GLY A 393 -25.09 18.16 -0.25
C GLY A 393 -26.44 17.51 0.00
N ARG A 394 -26.59 16.22 -0.35
CA ARG A 394 -27.89 15.56 -0.29
C ARG A 394 -27.93 14.21 0.42
N THR A 395 -29.16 13.78 0.69
CA THR A 395 -29.49 12.40 1.01
C THR A 395 -29.01 11.45 -0.10
N LEU A 396 -28.37 10.36 0.31
CA LEU A 396 -27.88 9.33 -0.61
C LEU A 396 -28.48 7.98 -0.20
N GLU A 397 -29.01 7.23 -1.16
CA GLU A 397 -29.70 5.97 -0.87
C GLU A 397 -29.01 4.84 -1.62
N PRO A 398 -27.95 4.27 -1.03
CA PRO A 398 -27.19 3.24 -1.78
C PRO A 398 -28.01 1.97 -2.01
N LYS A 399 -27.88 1.42 -3.21
CA LYS A 399 -28.55 0.19 -3.58
C LYS A 399 -27.89 -1.00 -2.89
N GLN A 400 -26.59 -0.89 -2.64
CA GLN A 400 -25.87 -2.00 -2.00
C GLN A 400 -24.61 -1.43 -1.36
N VAL A 401 -24.20 -2.01 -0.23
CA VAL A 401 -22.99 -1.62 0.46
C VAL A 401 -22.09 -2.84 0.66
N ILE A 402 -20.80 -2.70 0.37
CA ILE A 402 -19.81 -3.78 0.53
C ILE A 402 -18.75 -3.25 1.48
N ILE A 403 -18.66 -3.89 2.65
CA ILE A 403 -17.74 -3.51 3.71
C ILE A 403 -16.60 -4.54 3.82
N SER A 404 -15.36 -4.07 3.84
CA SER A 404 -14.19 -4.94 4.01
C SER A 404 -13.29 -4.34 5.05
N ARG A 405 -12.59 -5.18 5.79
CA ARG A 405 -11.79 -4.75 6.94
C ARG A 405 -10.42 -5.37 6.82
N LEU A 406 -9.40 -4.52 6.85
CA LEU A 406 -8.02 -4.94 6.75
C LEU A 406 -7.33 -4.63 8.07
N MSE A 407 -7.44 -5.61 8.99
CA MSE A 407 -6.92 -5.45 10.36
C MSE A 407 -5.38 -5.36 10.36
O MSE A 407 -4.70 -6.17 9.71
CB MSE A 407 -7.37 -6.62 11.27
CG MSE A 407 -8.89 -6.77 11.50
SE MSE A 407 -9.87 -5.11 11.71
CE MSE A 407 -9.16 -4.38 13.35
N ASP A 408 -4.83 -4.40 11.13
CA ASP A 408 -3.37 -4.22 11.27
C ASP A 408 -2.64 -4.29 9.94
N GLY A 409 -3.20 -3.64 8.92
CA GLY A 409 -2.79 -3.82 7.53
C GLY A 409 -1.64 -2.94 7.08
N LEU A 410 -1.51 -1.77 7.69
CA LEU A 410 -0.53 -0.82 7.26
C LEU A 410 0.55 -0.54 8.30
N PRO A 411 1.77 -0.99 8.04
CA PRO A 411 2.88 -0.60 8.92
C PRO A 411 3.37 0.80 8.66
N ALA A 412 3.84 1.44 9.73
CA ALA A 412 4.39 2.75 9.72
C ALA A 412 5.91 2.63 9.66
N TYR A 413 6.43 2.73 8.44
CA TYR A 413 7.87 2.78 8.20
C TYR A 413 8.40 4.17 8.55
N THR A 414 9.49 4.25 9.30
CA THR A 414 10.06 5.53 9.69
C THR A 414 11.51 5.52 9.33
N VAL A 415 12.22 6.63 9.58
CA VAL A 415 13.64 6.74 9.27
C VAL A 415 14.39 5.57 9.92
N GLY A 416 15.28 4.95 9.12
CA GLY A 416 16.11 3.78 9.48
C GLY A 416 15.46 2.37 9.32
N HIS A 417 14.25 2.31 8.76
CA HIS A 417 13.53 1.05 8.61
C HIS A 417 14.34 0.00 7.87
N ALA A 418 14.87 0.33 6.70
CA ALA A 418 15.53 -0.64 5.86
C ALA A 418 16.73 -1.26 6.61
N ASP A 419 17.49 -0.46 7.32
CA ASP A 419 18.61 -0.96 8.16
C ASP A 419 18.13 -1.77 9.33
N ARG A 420 17.02 -1.39 9.93
CA ARG A 420 16.44 -2.22 10.99
C ARG A 420 15.99 -3.62 10.46
N ILE A 421 15.39 -3.65 9.28
CA ILE A 421 14.95 -4.91 8.71
C ILE A 421 16.17 -5.80 8.37
N GLN A 422 17.28 -5.24 7.85
CA GLN A 422 18.53 -6.01 7.63
CA GLN A 422 18.47 -6.07 7.61
C GLN A 422 18.97 -6.66 8.94
N ARG A 423 18.96 -5.87 10.01
CA ARG A 423 19.36 -6.42 11.29
C ARG A 423 18.38 -7.52 11.76
N VAL A 424 17.06 -7.34 11.61
CA VAL A 424 16.07 -8.40 11.91
C VAL A 424 16.44 -9.72 11.16
N ARG A 425 16.70 -9.61 9.86
CA ARG A 425 17.02 -10.77 9.02
C ARG A 425 18.29 -11.51 9.42
N GLU A 426 19.32 -10.75 9.86
CA GLU A 426 20.58 -11.32 10.35
C GLU A 426 20.38 -12.04 11.66
N GLU A 427 19.57 -11.46 12.54
CA GLU A 427 19.24 -12.12 13.77
C GLU A 427 18.48 -13.41 13.51
N VAL A 428 17.47 -13.37 12.65
CA VAL A 428 16.74 -14.61 12.32
C VAL A 428 17.67 -15.64 11.70
N LEU A 429 18.54 -15.23 10.80
CA LEU A 429 19.40 -16.22 10.18
C LEU A 429 20.40 -16.82 11.19
N ALA A 430 20.85 -16.03 12.16
CA ALA A 430 21.79 -16.50 13.15
C ALA A 430 21.09 -17.41 14.20
N GLN A 431 19.87 -17.10 14.59
CA GLN A 431 19.15 -17.94 15.53
C GLN A 431 18.39 -19.07 14.89
N TYR A 432 17.93 -18.87 13.64
CA TYR A 432 17.21 -19.91 12.90
C TYR A 432 17.69 -20.01 11.45
N PRO A 433 18.86 -20.62 11.26
CA PRO A 433 19.39 -20.73 9.92
C PRO A 433 18.36 -21.43 9.05
N GLY A 434 18.20 -20.92 7.83
CA GLY A 434 17.17 -21.40 6.90
C GLY A 434 15.78 -20.75 7.00
N ILE A 435 15.63 -19.75 7.87
CA ILE A 435 14.34 -19.08 7.97
C ILE A 435 14.49 -17.68 7.40
N TYR A 436 13.60 -17.35 6.46
CA TYR A 436 13.66 -16.09 5.68
C TYR A 436 12.31 -15.42 5.86
N LEU A 437 12.32 -14.09 5.73
CA LEU A 437 11.13 -13.25 5.87
C LEU A 437 10.86 -12.45 4.59
N ALA A 438 9.57 -12.30 4.25
CA ALA A 438 9.16 -11.48 3.11
C ALA A 438 7.73 -11.00 3.30
N GLY A 439 7.41 -9.89 2.66
CA GLY A 439 6.12 -9.27 2.79
C GLY A 439 6.13 -7.80 3.15
N LEU A 440 4.94 -7.29 3.44
CA LEU A 440 4.74 -5.84 3.50
C LEU A 440 5.41 -5.14 4.67
N ALA A 441 5.82 -5.92 5.68
CA ALA A 441 6.51 -5.33 6.86
C ALA A 441 7.92 -4.88 6.47
N TYR A 442 8.44 -5.50 5.39
CA TYR A 442 9.89 -5.49 5.18
C TYR A 442 10.44 -4.51 4.15
N ASP A 443 10.09 -4.70 2.89
CA ASP A 443 10.76 -4.03 1.78
C ASP A 443 9.81 -3.12 0.95
N GLY A 444 8.84 -2.50 1.62
CA GLY A 444 7.84 -1.68 0.94
C GLY A 444 6.48 -2.30 1.10
N VAL A 445 5.50 -1.46 1.33
CA VAL A 445 4.14 -1.88 1.56
C VAL A 445 3.34 -2.36 0.34
N GLY A 446 3.68 -1.88 -0.85
CA GLY A 446 2.83 -2.07 -2.04
C GLY A 446 2.94 -3.43 -2.71
N LEU A 447 1.96 -3.77 -3.55
CA LEU A 447 1.93 -5.08 -4.19
C LEU A 447 3.25 -5.42 -4.91
N PRO A 448 3.81 -4.47 -5.67
CA PRO A 448 5.08 -4.71 -6.38
C PRO A 448 6.27 -4.89 -5.47
N ASP A 449 6.27 -4.17 -4.34
CA ASP A 449 7.33 -4.28 -3.33
C ASP A 449 7.32 -5.68 -2.69
N CYS A 450 6.13 -6.16 -2.40
CA CYS A 450 5.94 -7.50 -1.85
C CYS A 450 6.36 -8.58 -2.85
N VAL A 451 6.00 -8.39 -4.10
CA VAL A 451 6.45 -9.33 -5.12
C VAL A 451 7.99 -9.38 -5.20
N ALA A 452 8.63 -8.22 -5.25
CA ALA A 452 10.07 -8.14 -5.18
C ALA A 452 10.64 -8.74 -3.91
N SER A 453 9.93 -8.54 -2.79
CA SER A 453 10.39 -9.05 -1.49
C SER A 453 10.46 -10.59 -1.60
N ALA A 454 9.38 -11.19 -2.08
CA ALA A 454 9.34 -12.64 -2.36
C ALA A 454 10.49 -13.07 -3.31
N LYS A 455 10.64 -12.41 -4.46
CA LYS A 455 11.67 -12.80 -5.44
C LYS A 455 13.08 -12.71 -4.85
N THR A 456 13.40 -11.60 -4.19
CA THR A 456 14.73 -11.49 -3.59
C THR A 456 14.93 -12.57 -2.49
N MSE A 457 13.92 -12.88 -1.67
CA MSE A 457 14.18 -13.89 -0.65
C MSE A 457 14.32 -15.29 -1.27
O MSE A 457 15.20 -16.05 -0.91
CB MSE A 457 13.17 -13.89 0.49
CG MSE A 457 13.23 -12.66 1.36
SE MSE A 457 14.93 -12.43 2.27
CE MSE A 457 15.73 -10.88 1.39
N ILE A 458 13.49 -15.62 -2.26
CA ILE A 458 13.67 -16.90 -2.96
C ILE A 458 15.09 -17.01 -3.55
N GLU A 459 15.51 -15.95 -4.25
CA GLU A 459 16.86 -15.86 -4.83
C GLU A 459 17.97 -16.13 -3.81
N SER A 460 17.85 -15.55 -2.62
CA SER A 460 18.90 -15.66 -1.63
C SER A 460 18.92 -17.08 -1.03
N ILE A 461 17.79 -17.80 -1.05
CA ILE A 461 17.84 -19.24 -0.70
C ILE A 461 18.65 -19.97 -1.76
N GLU A 462 18.52 -19.54 -3.03
CA GLU A 462 19.25 -20.10 -4.19
C GLU A 462 20.77 -20.05 -4.06
N LEU A 463 21.29 -18.97 -3.48
CA LEU A 463 22.72 -18.89 -3.12
C LEU A 463 23.08 -19.93 -2.04
N GLU A 464 22.16 -20.13 -1.09
CA GLU A 464 22.35 -21.11 -0.02
C GLU A 464 21.86 -22.50 -0.40
N GLN A 465 22.08 -22.89 -1.66
CA GLN A 465 22.06 -24.30 -2.07
C GLN A 465 22.59 -24.48 -3.50
PA FAD B . -1.28 -10.37 3.35
O1A FAD B . -2.07 -9.99 2.15
O2A FAD B . -1.67 -9.80 4.67
O5B FAD B . -1.28 -11.95 3.48
C5B FAD B . -0.89 -12.63 4.65
C4B FAD B . -1.42 -14.07 4.55
O4B FAD B . -0.88 -14.87 5.61
C3B FAD B . -2.93 -14.10 4.61
O3B FAD B . -3.47 -14.93 3.60
C2B FAD B . -3.15 -14.63 6.02
O2B FAD B . -4.31 -15.38 6.14
C1B FAD B . -1.95 -15.55 6.22
N9A FAD B . -1.60 -15.83 7.62
C8A FAD B . -1.67 -15.06 8.76
N7A FAD B . -1.22 -15.77 9.82
C5A FAD B . -0.87 -17.01 9.37
C6A FAD B . -0.32 -18.15 9.98
N6A FAD B . -0.03 -18.16 11.27
N1A FAD B . -0.06 -19.28 9.21
C2A FAD B . -0.28 -19.27 7.86
N3A FAD B . -0.80 -18.13 7.26
C4A FAD B . -1.10 -17.04 8.00
N1 FAD B . -0.78 -1.93 -2.33
C2 FAD B . -0.75 -1.48 -3.61
O2 FAD B . 0.22 -1.73 -4.35
N3 FAD B . -1.79 -0.71 -4.09
C4 FAD B . -2.84 -0.37 -3.32
O4 FAD B . -3.74 0.28 -3.81
C4X FAD B . -2.88 -0.78 -2.01
N5 FAD B . -3.98 -0.47 -1.23
C5X FAD B . -4.01 -0.93 0.10
C6 FAD B . -5.09 -0.60 0.93
C7 FAD B . -5.13 -1.03 2.25
C7M FAD B . -6.30 -0.69 3.13
C8 FAD B . -4.10 -1.85 2.76
C8M FAD B . -4.09 -2.34 4.20
C9 FAD B . -3.03 -2.20 1.95
C9A FAD B . -2.96 -1.74 0.61
N10 FAD B . -1.89 -2.09 -0.21
C10 FAD B . -1.85 -1.59 -1.52
C1' FAD B . -0.71 -2.92 0.26
C2' FAD B . -0.96 -4.39 -0.16
O2' FAD B . -2.10 -4.84 0.49
C3' FAD B . 0.20 -5.33 0.19
O3' FAD B . 1.23 -5.03 -0.74
C4' FAD B . -0.09 -6.85 0.07
O4' FAD B . -1.44 -7.23 0.19
C5' FAD B . 0.63 -7.64 1.15
O5' FAD B . 0.45 -9.01 0.90
P FAD B . 1.17 -10.06 1.84
O1P FAD B . 2.54 -9.62 2.26
O2P FAD B . 1.07 -11.47 1.34
O3P FAD B . 0.27 -9.99 3.21
#